data_7RXV
#
_entry.id   7RXV
#
_cell.length_a   67.981
_cell.length_b   94.122
_cell.length_c   117.315
_cell.angle_alpha   90.000
_cell.angle_beta   90.000
_cell.angle_gamma   90.000
#
_symmetry.space_group_name_H-M   'I 2 2 2'
#
loop_
_entity.id
_entity.type
_entity.pdbx_description
1 polymer 'S-adenosylmethionine synthase isoform type-2'
2 non-polymer "5'-DEOXY-5'-METHYLTHIOADENOSINE"
3 non-polymer ALANINE
4 non-polymer 'MALONIC ACID'
5 non-polymer TRIFLUOROMAGNESATE
6 non-polymer GLYCEROL
7 non-polymer 'MAGNESIUM ION'
8 non-polymer 'POTASSIUM ION'
9 non-polymer 'SODIUM ION'
10 water water
#
_entity_poly.entity_id   1
_entity_poly.type   'polypeptide(L)'
_entity_poly.pdbx_seq_one_letter_code
;MHHHHHHSSGVDLGTENLYFQSMNGQLNGFHEAFIEEGTFLFTSESVGEGHPDKICDQISDAVLDAHLQQDPDAKVACET
VAKTGMILLAGEITSRAAVDYQKVVREAVKHIGYDDSSKGFDYKTCNVLVALEQQSPDIAQGVHLDRNEEDIGAGDQGLM
FGYATDETEECMPLTIVLAHKLNAKLAELRRNGTLPWLRPDSKTQVTVQYMQDRGAVLPIRVHTIVISVQHDEEVCLDEM
RDALKEKVIKAVVPAKYLDEDTIYHLQPSGRFVIGGPQGDAGLTGRKIIVDTYGGWGAHGGGAFSGKDYTKVDRSAAYAA
RWVAKSLVKGGLCRRVLVQVSYAIGVSHPLSISIFHYGTSQKSERELLEIVKKNFDLRPGVIVRDLDLKKPIYQRTAAYG
HFGRDSFPWEVPKKLKY
;
_entity_poly.pdbx_strand_id   A
#
# COMPACT_ATOMS: atom_id res chain seq x y z
N GLY A 38 9.22 25.72 16.40
CA GLY A 38 8.62 24.43 16.73
C GLY A 38 7.91 23.72 15.60
N THR A 39 7.72 24.39 14.48
CA THR A 39 7.03 23.77 13.35
C THR A 39 8.03 23.23 12.33
N PHE A 40 7.52 22.29 11.54
CA PHE A 40 8.33 21.67 10.51
C PHE A 40 7.41 21.25 9.37
N LEU A 41 8.02 20.99 8.21
CA LEU A 41 7.30 20.48 7.06
C LEU A 41 7.52 18.98 6.94
N PHE A 42 6.51 18.29 6.41
CA PHE A 42 6.69 16.89 6.03
C PHE A 42 5.87 16.64 4.78
N THR A 43 6.43 15.87 3.85
CA THR A 43 5.82 15.62 2.56
C THR A 43 5.61 14.13 2.36
N SER A 44 4.45 13.78 1.81
CA SER A 44 4.18 12.41 1.35
C SER A 44 3.56 12.44 -0.03
N GLU A 45 3.68 11.34 -0.76
CA GLU A 45 3.06 11.22 -2.08
C GLU A 45 2.14 10.00 -2.13
N SER A 46 1.28 10.03 -3.16
CA SER A 46 0.48 8.89 -3.52
C SER A 46 0.41 8.82 -5.04
N VAL A 47 -0.04 7.69 -5.57
CA VAL A 47 -0.22 7.55 -7.00
C VAL A 47 -1.57 6.91 -7.27
N GLY A 48 -2.06 7.12 -8.48
CA GLY A 48 -3.34 6.57 -8.87
C GLY A 48 -3.30 5.13 -9.33
N GLU A 49 -4.50 4.61 -9.56
CA GLU A 49 -4.65 3.21 -9.96
C GLU A 49 -3.96 2.92 -11.28
N GLY A 50 -3.83 3.92 -12.15
CA GLY A 50 -3.19 3.74 -13.43
C GLY A 50 -1.73 4.12 -13.48
N HIS A 51 -1.14 4.52 -12.38
CA HIS A 51 0.31 4.67 -12.36
C HIS A 51 0.91 3.30 -12.69
N PRO A 52 1.91 3.23 -13.57
CA PRO A 52 2.34 1.90 -14.05
CA PRO A 52 2.37 1.90 -14.04
C PRO A 52 2.84 0.96 -12.96
N ASP A 53 3.53 1.46 -11.93
CA ASP A 53 3.94 0.59 -10.84
C ASP A 53 2.71 0.07 -10.09
N LYS A 54 1.73 0.94 -9.87
CA LYS A 54 0.51 0.50 -9.18
C LYS A 54 -0.30 -0.47 -10.02
N ILE A 55 -0.31 -0.32 -11.35
CA ILE A 55 -0.95 -1.31 -12.20
C ILE A 55 -0.38 -2.68 -11.86
N CYS A 56 0.95 -2.76 -11.78
CA CYS A 56 1.61 -4.03 -11.51
C CYS A 56 1.24 -4.58 -10.15
N ASP A 57 1.18 -3.74 -9.12
CA ASP A 57 0.75 -4.22 -7.82
C ASP A 57 -0.65 -4.81 -7.88
N GLN A 58 -1.56 -4.12 -8.56
CA GLN A 58 -2.94 -4.59 -8.64
C GLN A 58 -3.05 -5.89 -9.41
N ILE A 59 -2.29 -6.04 -10.50
CA ILE A 59 -2.31 -7.28 -11.26
C ILE A 59 -1.73 -8.41 -10.42
N SER A 60 -0.60 -8.17 -9.75
CA SER A 60 -0.01 -9.20 -8.91
C SER A 60 -1.00 -9.69 -7.85
N ASP A 61 -1.73 -8.75 -7.24
CA ASP A 61 -2.72 -9.15 -6.23
C ASP A 61 -3.99 -9.74 -6.84
N ALA A 62 -4.35 -9.37 -8.08
CA ALA A 62 -5.43 -10.06 -8.77
C ALA A 62 -5.07 -11.52 -9.01
N VAL A 63 -3.81 -11.78 -9.37
CA VAL A 63 -3.34 -13.15 -9.55
C VAL A 63 -3.38 -13.91 -8.22
N LEU A 64 -2.88 -13.28 -7.15
CA LEU A 64 -2.92 -13.90 -5.83
C LEU A 64 -4.35 -14.24 -5.45
N ASP A 65 -5.28 -13.29 -5.60
CA ASP A 65 -6.66 -13.54 -5.22
C ASP A 65 -7.26 -14.67 -6.06
N ALA A 66 -6.94 -14.71 -7.36
CA ALA A 66 -7.49 -15.76 -8.22
C ALA A 66 -7.05 -17.13 -7.72
N HIS A 67 -5.80 -17.26 -7.32
CA HIS A 67 -5.32 -18.51 -6.75
C HIS A 67 -6.02 -18.82 -5.43
N LEU A 68 -6.09 -17.85 -4.53
CA LEU A 68 -6.66 -18.11 -3.21
C LEU A 68 -8.12 -18.45 -3.28
N GLN A 69 -8.85 -17.96 -4.28
CA GLN A 69 -10.26 -18.32 -4.42
C GLN A 69 -10.44 -19.82 -4.57
N GLN A 70 -9.50 -20.50 -5.21
CA GLN A 70 -9.58 -21.93 -5.44
C GLN A 70 -8.73 -22.75 -4.47
N ASP A 71 -7.60 -22.20 -4.04
CA ASP A 71 -6.66 -22.92 -3.19
C ASP A 71 -6.20 -21.97 -2.10
N PRO A 72 -6.83 -22.01 -0.94
CA PRO A 72 -6.44 -21.07 0.13
C PRO A 72 -5.00 -21.21 0.59
N ASP A 73 -4.34 -22.33 0.29
CA ASP A 73 -2.96 -22.55 0.68
C ASP A 73 -1.99 -22.35 -0.47
N ALA A 74 -2.43 -21.70 -1.54
CA ALA A 74 -1.52 -21.43 -2.65
C ALA A 74 -0.28 -20.67 -2.16
N LYS A 75 0.88 -21.05 -2.71
CA LYS A 75 2.13 -20.36 -2.47
CA LYS A 75 2.14 -20.37 -2.47
C LYS A 75 2.38 -19.48 -3.70
N VAL A 76 2.35 -18.17 -3.51
CA VAL A 76 2.33 -17.22 -4.60
C VAL A 76 3.39 -16.17 -4.39
N ALA A 77 4.18 -15.90 -5.43
CA ALA A 77 5.19 -14.87 -5.45
C ALA A 77 5.20 -14.33 -6.88
N CYS A 78 4.19 -13.56 -7.21
CA CYS A 78 3.94 -13.13 -8.59
C CYS A 78 4.37 -11.68 -8.78
N GLU A 79 5.41 -11.45 -9.56
CA GLU A 79 5.86 -10.12 -9.94
C GLU A 79 5.24 -9.78 -11.30
N THR A 80 4.90 -8.52 -11.50
CA THR A 80 4.37 -8.03 -12.76
C THR A 80 5.25 -6.90 -13.25
N VAL A 81 5.47 -6.85 -14.57
CA VAL A 81 6.20 -5.77 -15.23
C VAL A 81 5.31 -5.25 -16.35
N ALA A 82 5.28 -3.93 -16.51
CA ALA A 82 4.45 -3.28 -17.51
C ALA A 82 5.29 -2.30 -18.32
N LYS A 83 5.16 -2.36 -19.64
CA LYS A 83 5.74 -1.36 -20.53
C LYS A 83 4.74 -1.26 -21.68
N THR A 84 4.99 -0.37 -22.64
CA THR A 84 4.08 -0.19 -23.76
C THR A 84 3.60 -1.53 -24.28
N GLY A 85 2.29 -1.74 -24.25
CA GLY A 85 1.68 -2.91 -24.81
C GLY A 85 1.93 -4.22 -24.12
N MET A 86 2.56 -4.23 -22.94
CA MET A 86 3.00 -5.49 -22.35
C MET A 86 2.72 -5.56 -20.87
N ILE A 87 2.14 -6.67 -20.47
CA ILE A 87 2.17 -7.12 -19.08
C ILE A 87 2.92 -8.45 -19.07
N LEU A 88 3.98 -8.54 -18.28
CA LEU A 88 4.70 -9.78 -18.06
C LEU A 88 4.53 -10.20 -16.61
N LEU A 89 4.17 -11.46 -16.41
CA LEU A 89 4.15 -12.07 -15.08
C LEU A 89 5.39 -12.92 -14.92
N ALA A 90 6.11 -12.76 -13.83
N ALA A 90 6.12 -12.70 -13.85
CA ALA A 90 7.31 -13.54 -13.59
CA ALA A 90 7.32 -13.44 -13.52
C ALA A 90 7.42 -13.86 -12.11
C ALA A 90 7.19 -13.92 -12.08
N GLY A 91 7.74 -15.09 -11.80
CA GLY A 91 7.81 -15.50 -10.42
C GLY A 91 7.45 -16.95 -10.24
N GLU A 92 6.96 -17.26 -9.04
CA GLU A 92 6.83 -18.63 -8.58
C GLU A 92 5.49 -18.83 -7.91
N ILE A 93 4.75 -19.80 -8.39
CA ILE A 93 3.44 -20.16 -7.84
C ILE A 93 3.34 -21.68 -7.78
N THR A 94 3.01 -22.19 -6.61
CA THR A 94 2.64 -23.58 -6.44
C THR A 94 1.23 -23.61 -5.86
N SER A 95 0.29 -24.17 -6.61
CA SER A 95 -1.11 -24.02 -6.30
C SER A 95 -1.90 -25.11 -7.00
N ARG A 96 -2.98 -25.53 -6.37
CA ARG A 96 -3.94 -26.44 -6.98
C ARG A 96 -4.96 -25.72 -7.85
N ALA A 97 -4.94 -24.40 -7.90
CA ALA A 97 -5.90 -23.65 -8.70
C ALA A 97 -5.59 -23.78 -10.19
N ALA A 98 -6.63 -23.62 -11.00
CA ALA A 98 -6.51 -23.48 -12.46
C ALA A 98 -6.88 -22.04 -12.76
N VAL A 99 -5.88 -21.22 -13.07
CA VAL A 99 -6.05 -19.78 -13.24
C VAL A 99 -5.79 -19.40 -14.69
N ASP A 100 -6.70 -18.64 -15.28
CA ASP A 100 -6.58 -18.16 -16.64
C ASP A 100 -5.89 -16.79 -16.54
N TYR A 101 -4.57 -16.78 -16.71
CA TYR A 101 -3.82 -15.55 -16.51
C TYR A 101 -4.22 -14.47 -17.50
N GLN A 102 -4.51 -14.85 -18.75
CA GLN A 102 -4.97 -13.88 -19.73
CA GLN A 102 -4.94 -13.86 -19.72
C GLN A 102 -6.17 -13.12 -19.21
N LYS A 103 -7.17 -13.86 -18.74
CA LYS A 103 -8.41 -13.27 -18.25
C LYS A 103 -8.16 -12.41 -17.02
N VAL A 104 -7.41 -12.93 -16.05
CA VAL A 104 -7.22 -12.21 -14.79
C VAL A 104 -6.49 -10.90 -15.04
N VAL A 105 -5.42 -10.94 -15.83
CA VAL A 105 -4.67 -9.72 -16.11
C VAL A 105 -5.53 -8.71 -16.84
N ARG A 106 -6.22 -9.15 -17.89
CA ARG A 106 -6.96 -8.21 -18.71
C ARG A 106 -8.12 -7.60 -17.93
N GLU A 107 -8.79 -8.38 -17.09
CA GLU A 107 -9.86 -7.83 -16.27
C GLU A 107 -9.34 -6.76 -15.31
N ALA A 108 -8.14 -6.96 -14.74
CA ALA A 108 -7.59 -5.97 -13.83
C ALA A 108 -7.30 -4.67 -14.57
N VAL A 109 -6.72 -4.77 -15.77
CA VAL A 109 -6.43 -3.57 -16.56
C VAL A 109 -7.71 -2.87 -16.98
N LYS A 110 -8.74 -3.63 -17.36
CA LYS A 110 -10.04 -3.05 -17.66
C LYS A 110 -10.57 -2.23 -16.51
N HIS A 111 -10.53 -2.79 -15.29
CA HIS A 111 -11.06 -2.09 -14.11
C HIS A 111 -10.33 -0.77 -13.88
N ILE A 112 -9.02 -0.77 -14.08
CA ILE A 112 -8.22 0.43 -13.90
C ILE A 112 -8.65 1.50 -14.89
N GLY A 113 -9.05 1.11 -16.09
CA GLY A 113 -9.57 2.05 -17.06
C GLY A 113 -8.80 2.15 -18.37
N TYR A 114 -7.80 1.30 -18.58
CA TYR A 114 -7.02 1.32 -19.83
C TYR A 114 -7.71 0.42 -20.84
N ASP A 115 -8.58 1.03 -21.65
CA ASP A 115 -9.48 0.29 -22.52
C ASP A 115 -9.45 0.82 -23.96
N ASP A 116 -8.41 1.53 -24.36
CA ASP A 116 -8.38 2.02 -25.73
C ASP A 116 -6.99 2.51 -26.07
N SER A 117 -6.61 2.29 -27.32
CA SER A 117 -5.27 2.72 -27.73
CA SER A 117 -5.38 2.79 -27.93
C SER A 117 -5.11 4.23 -27.58
N SER A 118 -6.19 5.02 -27.64
CA SER A 118 -6.07 6.46 -27.47
C SER A 118 -5.58 6.84 -26.08
N LYS A 119 -5.76 5.97 -25.08
CA LYS A 119 -5.33 6.21 -23.72
C LYS A 119 -3.93 5.70 -23.46
N GLY A 120 -3.32 5.04 -24.44
CA GLY A 120 -1.97 4.54 -24.34
C GLY A 120 -1.86 3.07 -24.01
N PHE A 121 -2.96 2.41 -23.67
CA PHE A 121 -2.93 1.02 -23.21
C PHE A 121 -4.35 0.50 -23.28
N ASP A 122 -4.50 -0.76 -23.70
CA ASP A 122 -5.81 -1.35 -23.88
CA ASP A 122 -5.81 -1.36 -23.89
C ASP A 122 -5.78 -2.81 -23.42
N TYR A 123 -6.60 -3.13 -22.41
CA TYR A 123 -6.68 -4.50 -21.93
C TYR A 123 -7.07 -5.48 -23.02
N LYS A 124 -7.83 -5.04 -24.02
CA LYS A 124 -8.32 -5.98 -25.03
C LYS A 124 -7.22 -6.44 -25.97
N THR A 125 -6.20 -5.63 -26.17
CA THR A 125 -5.24 -5.83 -27.23
C THR A 125 -3.80 -5.85 -26.79
N CYS A 126 -3.52 -5.74 -25.48
CA CYS A 126 -2.13 -5.67 -25.09
C CYS A 126 -1.59 -7.14 -25.09
N ASN A 127 -0.27 -7.29 -24.99
CA ASN A 127 0.41 -8.56 -24.85
C ASN A 127 0.43 -8.94 -23.38
N VAL A 128 0.07 -10.18 -23.08
CA VAL A 128 0.24 -10.77 -21.75
C VAL A 128 1.17 -11.95 -21.89
N LEU A 129 2.31 -11.86 -21.22
CA LEU A 129 3.37 -12.87 -21.29
CA LEU A 129 3.37 -12.86 -21.30
C LEU A 129 3.55 -13.46 -19.91
N VAL A 130 3.79 -14.77 -19.83
CA VAL A 130 3.83 -15.47 -18.54
C VAL A 130 5.13 -16.27 -18.42
N ALA A 131 5.90 -15.98 -17.36
CA ALA A 131 7.14 -16.69 -17.02
C ALA A 131 7.02 -17.11 -15.56
N LEU A 132 6.10 -18.02 -15.29
CA LEU A 132 5.81 -18.47 -13.95
C LEU A 132 6.24 -19.92 -13.81
N GLU A 133 6.94 -20.22 -12.73
CA GLU A 133 7.37 -21.56 -12.42
C GLU A 133 6.86 -21.95 -11.04
N GLN A 134 7.06 -23.18 -10.64
CA GLN A 134 6.72 -23.59 -9.29
C GLN A 134 7.65 -22.93 -8.27
N GLN A 135 7.18 -22.85 -7.02
CA GLN A 135 8.06 -22.48 -5.94
C GLN A 135 9.24 -23.44 -5.85
N SER A 136 10.42 -22.87 -5.60
CA SER A 136 11.60 -23.69 -5.41
C SER A 136 11.35 -24.79 -4.39
N PRO A 137 11.64 -26.05 -4.69
CA PRO A 137 11.46 -27.09 -3.67
CA PRO A 137 11.48 -27.10 -3.68
C PRO A 137 12.39 -26.90 -2.49
N ASP A 138 13.52 -26.23 -2.66
CA ASP A 138 14.41 -25.97 -1.54
C ASP A 138 13.78 -24.99 -0.56
N ILE A 139 13.07 -23.99 -1.06
CA ILE A 139 12.33 -23.09 -0.19
C ILE A 139 11.20 -23.85 0.49
N ALA A 140 10.43 -24.60 -0.29
CA ALA A 140 9.27 -25.28 0.27
C ALA A 140 9.66 -26.18 1.42
N GLN A 141 10.72 -26.98 1.26
CA GLN A 141 11.10 -27.90 2.32
C GLN A 141 11.58 -27.18 3.55
N GLY A 142 12.16 -26.01 3.41
CA GLY A 142 12.66 -25.28 4.55
C GLY A 142 11.66 -24.40 5.25
N VAL A 143 10.52 -24.14 4.63
CA VAL A 143 9.54 -23.21 5.14
C VAL A 143 8.30 -23.92 5.65
N HIS A 144 7.69 -24.77 4.82
CA HIS A 144 6.35 -25.23 5.14
C HIS A 144 6.10 -26.72 4.98
N LEU A 145 6.92 -27.45 4.25
CA LEU A 145 6.60 -28.86 4.04
C LEU A 145 6.70 -29.63 5.36
N ASP A 146 5.68 -30.44 5.64
N ASP A 146 5.66 -30.43 5.62
CA ASP A 146 5.61 -31.31 6.81
CA ASP A 146 5.56 -31.27 6.80
C ASP A 146 5.33 -30.57 8.11
C ASP A 146 5.75 -30.45 8.07
N ARG A 147 5.17 -29.26 8.09
CA ARG A 147 5.09 -28.45 9.31
C ARG A 147 3.65 -28.18 9.67
N ASN A 148 3.38 -28.27 10.96
CA ASN A 148 2.12 -27.83 11.53
C ASN A 148 1.90 -26.37 11.15
N GLU A 149 0.68 -26.00 10.74
CA GLU A 149 0.47 -24.66 10.20
C GLU A 149 0.92 -23.58 11.20
N GLU A 150 0.54 -23.73 12.47
CA GLU A 150 0.93 -22.71 13.44
C GLU A 150 2.44 -22.56 13.53
N ASP A 151 3.16 -23.61 13.18
CA ASP A 151 4.63 -23.67 13.31
C ASP A 151 5.34 -23.58 11.97
N ILE A 152 4.64 -23.12 10.93
CA ILE A 152 5.29 -22.89 9.66
CA ILE A 152 5.27 -22.86 9.65
C ILE A 152 6.40 -21.86 9.84
N GLY A 153 7.49 -22.04 9.13
CA GLY A 153 8.56 -21.06 9.19
C GLY A 153 8.21 -19.80 8.45
N ALA A 154 8.85 -18.70 8.81
CA ALA A 154 8.81 -17.53 7.95
C ALA A 154 9.26 -17.92 6.54
N GLY A 155 8.60 -17.35 5.54
CA GLY A 155 8.94 -17.66 4.16
C GLY A 155 10.22 -17.04 3.67
N ASP A 156 10.83 -16.17 4.46
CA ASP A 156 12.06 -15.49 4.12
C ASP A 156 12.58 -14.88 5.42
N GLN A 157 13.84 -14.46 5.40
CA GLN A 157 14.29 -13.52 6.42
C GLN A 157 13.72 -12.14 6.08
N GLY A 158 13.87 -11.19 7.00
CA GLY A 158 13.61 -9.80 6.71
C GLY A 158 13.16 -9.06 7.94
N LEU A 159 13.03 -7.76 7.78
CA LEU A 159 12.56 -6.86 8.82
C LEU A 159 11.33 -6.11 8.30
N MET A 160 10.46 -5.74 9.23
CA MET A 160 9.21 -5.10 8.88
C MET A 160 8.86 -4.10 9.97
N PHE A 161 8.16 -3.03 9.59
CA PHE A 161 7.74 -2.04 10.56
C PHE A 161 6.25 -1.78 10.47
N GLY A 162 5.66 -1.50 11.63
CA GLY A 162 4.32 -0.95 11.71
C GLY A 162 4.38 0.43 12.35
N TYR A 163 3.39 1.27 12.04
CA TYR A 163 3.37 2.63 12.55
C TYR A 163 1.94 3.05 12.76
N ALA A 164 1.72 3.90 13.75
CA ALA A 164 0.42 4.52 13.98
C ALA A 164 0.65 5.88 14.63
N THR A 165 -0.24 6.81 14.30
CA THR A 165 -0.21 8.17 14.79
C THR A 165 -1.62 8.64 15.07
N ASP A 166 -1.84 9.27 16.21
CA ASP A 166 -3.17 9.74 16.60
C ASP A 166 -3.60 11.01 15.88
N GLU A 167 -2.84 11.49 14.89
CA GLU A 167 -3.20 12.75 14.25
C GLU A 167 -4.45 12.65 13.38
N THR A 168 -4.89 11.44 12.99
CA THR A 168 -6.15 11.21 12.31
C THR A 168 -6.87 10.07 13.01
N GLU A 169 -8.19 10.01 12.83
CA GLU A 169 -8.98 8.94 13.45
C GLU A 169 -8.48 7.57 13.02
N GLU A 170 -8.13 7.42 11.75
CA GLU A 170 -7.68 6.15 11.23
C GLU A 170 -6.22 5.85 11.57
N CYS A 171 -5.58 6.73 12.33
CA CYS A 171 -4.25 6.46 12.87
CA CYS A 171 -4.24 6.53 12.87
C CYS A 171 -3.16 6.52 11.80
N MET A 172 -3.36 7.33 10.78
CA MET A 172 -2.40 7.49 9.70
C MET A 172 -1.93 8.94 9.58
N PRO A 173 -0.77 9.16 8.96
CA PRO A 173 -0.31 10.54 8.75
C PRO A 173 -1.24 11.29 7.82
N LEU A 174 -1.54 12.55 8.16
CA LEU A 174 -2.42 13.35 7.32
C LEU A 174 -1.85 13.54 5.91
N THR A 175 -0.54 13.71 5.80
CA THR A 175 0.06 13.94 4.49
C THR A 175 -0.33 12.85 3.49
N ILE A 176 -0.19 11.59 3.88
N ILE A 176 -0.19 11.59 3.91
CA ILE A 176 -0.48 10.55 2.90
CA ILE A 176 -0.43 10.45 3.04
C ILE A 176 -1.98 10.33 2.77
C ILE A 176 -1.93 10.22 2.83
N VAL A 177 -2.75 10.47 3.85
CA VAL A 177 -4.20 10.34 3.71
C VAL A 177 -4.70 11.30 2.65
N LEU A 178 -4.29 12.57 2.74
CA LEU A 178 -4.73 13.56 1.77
C LEU A 178 -4.23 13.20 0.37
N ALA A 179 -2.96 12.76 0.27
CA ALA A 179 -2.45 12.41 -1.05
C ALA A 179 -3.24 11.28 -1.68
N HIS A 180 -3.58 10.25 -0.91
CA HIS A 180 -4.39 9.17 -1.45
C HIS A 180 -5.75 9.68 -1.88
N LYS A 181 -6.39 10.50 -1.04
CA LYS A 181 -7.74 10.96 -1.35
C LYS A 181 -7.76 11.82 -2.60
N LEU A 182 -6.69 12.56 -2.88
CA LEU A 182 -6.64 13.32 -4.12
C LEU A 182 -6.65 12.38 -5.33
N ASN A 183 -5.87 11.30 -5.28
CA ASN A 183 -5.90 10.34 -6.39
C ASN A 183 -7.27 9.67 -6.50
N ALA A 184 -7.89 9.33 -5.38
CA ALA A 184 -9.20 8.71 -5.43
C ALA A 184 -10.23 9.66 -6.04
N LYS A 185 -10.11 10.94 -5.73
CA LYS A 185 -11.05 11.92 -6.29
C LYS A 185 -10.87 12.01 -7.80
N LEU A 186 -9.63 12.01 -8.28
CA LEU A 186 -9.40 12.01 -9.72
C LEU A 186 -10.08 10.81 -10.37
N ALA A 187 -9.92 9.62 -9.78
CA ALA A 187 -10.53 8.44 -10.39
C ALA A 187 -12.06 8.54 -10.36
N GLU A 188 -12.61 9.11 -9.29
CA GLU A 188 -14.05 9.28 -9.19
C GLU A 188 -14.58 10.18 -10.29
N LEU A 189 -13.90 11.29 -10.54
CA LEU A 189 -14.37 12.26 -11.52
C LEU A 189 -14.11 11.79 -12.95
N ARG A 190 -13.10 10.94 -13.12
CA ARG A 190 -12.92 10.26 -14.40
C ARG A 190 -14.06 9.29 -14.64
N ARG A 191 -14.35 8.45 -13.66
CA ARG A 191 -15.33 7.40 -13.86
C ARG A 191 -16.75 7.94 -13.96
N ASN A 192 -17.06 9.05 -13.30
CA ASN A 192 -18.42 9.59 -13.38
C ASN A 192 -18.59 10.56 -14.55
N GLY A 193 -17.55 10.75 -15.36
CA GLY A 193 -17.67 11.53 -16.57
C GLY A 193 -17.67 13.03 -16.39
N THR A 194 -17.46 13.52 -15.17
CA THR A 194 -17.37 14.95 -14.87
CA THR A 194 -17.48 14.96 -15.07
C THR A 194 -16.18 15.60 -15.57
N LEU A 195 -15.04 14.91 -15.54
CA LEU A 195 -13.79 15.39 -16.13
C LEU A 195 -13.35 14.33 -17.14
N PRO A 196 -13.99 14.27 -18.30
CA PRO A 196 -13.77 13.14 -19.21
C PRO A 196 -12.41 13.17 -19.88
N TRP A 197 -11.66 14.26 -19.75
CA TRP A 197 -10.30 14.32 -20.27
C TRP A 197 -9.29 13.61 -19.38
N LEU A 198 -9.70 13.18 -18.19
CA LEU A 198 -8.78 12.50 -17.30
C LEU A 198 -8.48 11.09 -17.80
N ARG A 199 -7.25 10.65 -17.56
CA ARG A 199 -6.83 9.26 -17.78
C ARG A 199 -6.40 8.64 -16.45
N PRO A 200 -6.13 7.34 -16.41
CA PRO A 200 -5.94 6.67 -15.11
C PRO A 200 -4.63 6.95 -14.37
N ASP A 201 -3.57 7.38 -15.06
CA ASP A 201 -2.24 7.56 -14.46
C ASP A 201 -2.17 8.93 -13.76
N SER A 202 -1.89 8.93 -12.46
CA SER A 202 -1.81 10.17 -11.71
C SER A 202 -0.83 10.02 -10.57
N LYS A 203 -0.31 11.17 -10.12
CA LYS A 203 0.52 11.27 -8.93
C LYS A 203 0.11 12.52 -8.18
N THR A 204 0.19 12.44 -6.85
CA THR A 204 -0.09 13.59 -6.00
C THR A 204 0.95 13.66 -4.90
N GLN A 205 1.10 14.85 -4.32
CA GLN A 205 2.07 15.02 -3.25
C GLN A 205 1.60 16.16 -2.36
N VAL A 206 1.65 15.94 -1.05
CA VAL A 206 1.13 16.88 -0.08
C VAL A 206 2.18 17.17 0.97
N THR A 207 2.49 18.45 1.16
CA THR A 207 3.38 18.93 2.20
C THR A 207 2.54 19.63 3.25
N VAL A 208 2.63 19.15 4.50
CA VAL A 208 1.90 19.73 5.64
C VAL A 208 2.90 20.34 6.58
N GLN A 209 2.54 21.49 7.14
CA GLN A 209 3.25 22.11 8.22
C GLN A 209 2.65 21.59 9.51
N TYR A 210 3.53 21.06 10.38
CA TYR A 210 3.15 20.45 11.64
C TYR A 210 3.76 21.20 12.81
N MET A 211 3.13 21.04 13.96
CA MET A 211 3.73 21.39 15.24
CA MET A 211 3.70 21.40 15.25
C MET A 211 4.09 20.11 15.98
N GLN A 212 5.19 20.16 16.71
CA GLN A 212 5.58 19.08 17.60
C GLN A 212 4.81 19.23 18.91
N ASP A 213 4.40 18.10 19.49
CA ASP A 213 3.58 18.11 20.71
C ASP A 213 3.94 16.89 21.58
N ARG A 214 5.00 17.04 22.36
CA ARG A 214 5.46 15.99 23.27
C ARG A 214 5.63 14.65 22.56
N GLY A 215 6.27 14.70 21.40
CA GLY A 215 6.51 13.52 20.60
C GLY A 215 5.41 13.23 19.59
N ALA A 216 4.20 13.69 19.83
CA ALA A 216 3.14 13.59 18.85
C ALA A 216 3.28 14.73 17.84
N VAL A 217 2.52 14.66 16.77
CA VAL A 217 2.56 15.69 15.74
C VAL A 217 1.17 16.20 15.48
N LEU A 218 1.05 17.50 15.26
CA LEU A 218 -0.22 18.17 15.09
C LEU A 218 -0.22 18.90 13.76
N PRO A 219 -1.06 18.51 12.80
CA PRO A 219 -1.09 19.24 11.52
CA PRO A 219 -1.07 19.24 11.52
C PRO A 219 -1.66 20.63 11.69
N ILE A 220 -1.01 21.62 11.05
CA ILE A 220 -1.44 23.02 11.08
CA ILE A 220 -1.46 23.00 11.10
C ILE A 220 -2.10 23.42 9.77
N ARG A 221 -1.41 23.24 8.66
CA ARG A 221 -1.87 23.73 7.37
CA ARG A 221 -1.91 23.69 7.38
C ARG A 221 -1.17 22.95 6.27
N VAL A 222 -1.75 23.00 5.08
CA VAL A 222 -1.13 22.46 3.89
C VAL A 222 -0.27 23.53 3.25
N HIS A 223 1.00 23.22 3.11
CA HIS A 223 2.02 24.12 2.59
C HIS A 223 2.10 24.06 1.07
N THR A 224 2.08 22.87 0.49
CA THR A 224 2.22 22.69 -0.95
C THR A 224 1.44 21.45 -1.37
N ILE A 225 0.79 21.53 -2.53
CA ILE A 225 0.16 20.36 -3.17
C ILE A 225 0.67 20.27 -4.59
N VAL A 226 1.05 19.06 -4.99
CA VAL A 226 1.36 18.73 -6.39
C VAL A 226 0.30 17.74 -6.89
N ILE A 227 -0.22 17.98 -8.10
CA ILE A 227 -1.01 16.97 -8.80
C ILE A 227 -0.54 16.93 -10.24
N SER A 228 -0.22 15.73 -10.73
CA SER A 228 0.03 15.47 -12.15
C SER A 228 -0.88 14.34 -12.57
N VAL A 229 -1.62 14.52 -13.67
CA VAL A 229 -2.51 13.49 -14.15
C VAL A 229 -2.54 13.45 -15.66
N GLN A 230 -2.52 12.23 -16.19
CA GLN A 230 -2.56 12.03 -17.63
C GLN A 230 -3.89 12.52 -18.17
N HIS A 231 -3.84 13.09 -19.37
CA HIS A 231 -5.01 13.76 -19.93
C HIS A 231 -5.07 13.59 -21.44
N ASP A 232 -6.24 13.91 -21.99
CA ASP A 232 -6.43 13.81 -23.44
C ASP A 232 -5.75 14.96 -24.18
N GLU A 233 -5.67 14.79 -25.49
CA GLU A 233 -4.96 15.71 -26.37
C GLU A 233 -5.64 17.04 -26.54
N GLU A 234 -6.92 17.16 -26.17
CA GLU A 234 -7.72 18.32 -26.49
C GLU A 234 -7.79 19.35 -25.37
N VAL A 235 -7.70 18.95 -24.10
CA VAL A 235 -7.97 19.88 -23.00
C VAL A 235 -6.75 20.77 -22.78
N CYS A 236 -6.99 22.04 -22.49
CA CYS A 236 -5.87 22.97 -22.30
C CYS A 236 -5.44 23.02 -20.84
N LEU A 237 -4.22 23.50 -20.64
CA LEU A 237 -3.63 23.58 -19.32
C LEU A 237 -4.46 24.39 -18.36
N ASP A 238 -4.98 25.55 -18.77
CA ASP A 238 -5.75 26.37 -17.83
C ASP A 238 -7.03 25.68 -17.39
N GLU A 239 -7.70 24.98 -18.31
CA GLU A 239 -8.89 24.24 -17.91
C GLU A 239 -8.54 23.18 -16.88
N MET A 240 -7.43 22.47 -17.12
CA MET A 240 -7.05 21.42 -16.19
C MET A 240 -6.68 22.01 -14.82
N ARG A 241 -5.88 23.08 -14.80
CA ARG A 241 -5.44 23.61 -13.52
CA ARG A 241 -5.44 23.62 -13.52
C ARG A 241 -6.61 24.15 -12.71
N ASP A 242 -7.56 24.81 -13.38
CA ASP A 242 -8.75 25.28 -12.68
C ASP A 242 -9.55 24.12 -12.11
N ALA A 243 -9.75 23.06 -12.91
CA ALA A 243 -10.50 21.90 -12.42
C ALA A 243 -9.78 21.21 -11.26
N LEU A 244 -8.47 21.07 -11.35
CA LEU A 244 -7.74 20.39 -10.28
C LEU A 244 -7.86 21.17 -8.98
N LYS A 245 -7.84 22.50 -9.03
CA LYS A 245 -7.98 23.25 -7.80
C LYS A 245 -9.42 23.19 -7.29
N GLU A 246 -10.39 23.45 -8.16
CA GLU A 246 -11.75 23.66 -7.70
C GLU A 246 -12.51 22.36 -7.47
N LYS A 247 -12.30 21.36 -8.31
CA LYS A 247 -13.09 20.14 -8.25
C LYS A 247 -12.37 18.98 -7.59
N VAL A 248 -11.05 19.08 -7.43
CA VAL A 248 -10.28 18.01 -6.82
C VAL A 248 -9.79 18.47 -5.45
N ILE A 249 -8.91 19.46 -5.41
CA ILE A 249 -8.34 19.89 -4.12
C ILE A 249 -9.42 20.37 -3.17
N LYS A 250 -10.27 21.30 -3.62
CA LYS A 250 -11.25 21.84 -2.70
C LYS A 250 -12.27 20.79 -2.28
N ALA A 251 -12.49 19.76 -3.08
CA ALA A 251 -13.40 18.70 -2.71
C ALA A 251 -12.82 17.77 -1.66
N VAL A 252 -11.50 17.74 -1.52
CA VAL A 252 -10.79 16.77 -0.68
C VAL A 252 -10.21 17.40 0.58
N VAL A 253 -9.55 18.55 0.45
CA VAL A 253 -8.75 19.12 1.53
C VAL A 253 -9.61 20.13 2.28
N PRO A 254 -9.80 19.98 3.59
CA PRO A 254 -10.53 21.00 4.35
C PRO A 254 -9.99 22.40 4.15
N ALA A 255 -10.90 23.35 3.96
CA ALA A 255 -10.50 24.73 3.71
C ALA A 255 -9.65 25.29 4.84
N LYS A 256 -9.84 24.80 6.05
CA LYS A 256 -9.07 25.31 7.18
C LYS A 256 -7.59 25.06 7.00
N TYR A 257 -7.20 24.11 6.16
CA TYR A 257 -5.79 23.83 5.93
C TYR A 257 -5.21 24.62 4.76
N LEU A 258 -6.04 25.29 3.98
CA LEU A 258 -5.59 25.99 2.78
C LEU A 258 -5.67 27.47 3.03
N ASP A 259 -4.66 28.21 2.60
CA ASP A 259 -4.67 29.65 2.82
C ASP A 259 -3.96 30.34 1.67
N GLU A 260 -3.82 31.66 1.79
CA GLU A 260 -3.25 32.45 0.71
C GLU A 260 -1.80 32.06 0.43
N ASP A 261 -1.11 31.42 1.38
CA ASP A 261 0.28 31.06 1.19
C ASP A 261 0.46 29.66 0.61
N THR A 262 -0.58 28.83 0.57
CA THR A 262 -0.44 27.48 0.06
C THR A 262 0.02 27.54 -1.40
N ILE A 263 0.99 26.69 -1.73
CA ILE A 263 1.59 26.63 -3.05
C ILE A 263 0.97 25.46 -3.80
N TYR A 264 0.56 25.71 -5.04
CA TYR A 264 -0.07 24.70 -5.88
C TYR A 264 0.79 24.48 -7.12
N HIS A 265 1.16 23.22 -7.34
CA HIS A 265 1.86 22.79 -8.55
C HIS A 265 0.93 21.81 -9.25
N LEU A 266 0.13 22.33 -10.18
CA LEU A 266 -0.92 21.56 -10.84
C LEU A 266 -0.53 21.40 -12.29
N GLN A 267 -0.44 20.16 -12.75
CA GLN A 267 0.14 19.85 -14.05
C GLN A 267 1.46 20.60 -14.25
N PRO A 268 2.40 20.49 -13.29
CA PRO A 268 3.63 21.27 -13.39
C PRO A 268 4.51 20.94 -14.57
N SER A 269 4.39 19.75 -15.17
CA SER A 269 5.17 19.46 -16.36
C SER A 269 4.63 20.17 -17.59
N GLY A 270 3.40 20.66 -17.54
CA GLY A 270 2.79 21.34 -18.65
C GLY A 270 2.08 20.47 -19.68
N ARG A 271 2.42 19.18 -19.77
CA ARG A 271 1.80 18.29 -20.74
C ARG A 271 2.04 16.87 -20.30
N PHE A 272 0.98 16.07 -20.25
CA PHE A 272 1.01 14.68 -19.77
C PHE A 272 -0.05 13.91 -20.55
N VAL A 273 0.15 13.82 -21.86
CA VAL A 273 -0.73 13.04 -22.73
C VAL A 273 -0.30 11.58 -22.78
N ILE A 274 0.99 11.35 -23.01
CA ILE A 274 1.57 10.01 -22.91
C ILE A 274 1.64 9.64 -21.44
N GLY A 275 1.11 8.48 -21.09
CA GLY A 275 1.12 8.05 -19.71
C GLY A 275 0.91 6.56 -19.60
N GLY A 276 0.67 6.09 -18.38
CA GLY A 276 0.64 4.67 -18.15
C GLY A 276 1.98 4.03 -18.50
N PRO A 277 1.96 2.71 -18.76
CA PRO A 277 3.22 2.01 -19.07
C PRO A 277 3.93 2.56 -20.29
N GLN A 278 3.20 3.17 -21.21
CA GLN A 278 3.85 3.79 -22.36
C GLN A 278 4.79 4.91 -21.93
N GLY A 279 4.41 5.70 -20.93
CA GLY A 279 5.27 6.77 -20.48
C GLY A 279 6.38 6.37 -19.53
N ASP A 280 6.24 5.23 -18.85
CA ASP A 280 7.14 4.89 -17.76
C ASP A 280 6.91 3.42 -17.42
N ALA A 281 7.96 2.60 -17.43
CA ALA A 281 7.80 1.21 -17.09
C ALA A 281 7.32 1.06 -15.64
N GLY A 282 6.49 0.05 -15.42
CA GLY A 282 5.99 -0.29 -14.10
C GLY A 282 6.51 -1.66 -13.67
N LEU A 283 6.67 -1.80 -12.35
CA LEU A 283 7.06 -3.06 -11.74
CA LEU A 283 7.05 -3.06 -11.75
C LEU A 283 6.33 -3.20 -10.41
N THR A 284 6.02 -4.44 -10.03
CA THR A 284 5.48 -4.68 -8.69
C THR A 284 6.49 -4.25 -7.64
N GLY A 285 5.98 -3.71 -6.53
CA GLY A 285 6.80 -3.46 -5.37
C GLY A 285 7.70 -2.26 -5.46
N ARG A 286 7.32 -1.28 -6.28
CA ARG A 286 8.06 -0.05 -6.48
C ARG A 286 7.34 1.16 -5.88
N LYS A 287 6.31 0.91 -5.08
CA LYS A 287 5.55 1.96 -4.39
C LYS A 287 5.37 1.58 -2.93
N ILE A 288 6.45 1.10 -2.30
CA ILE A 288 6.30 0.52 -0.97
C ILE A 288 6.05 1.57 0.09
N ILE A 289 6.43 2.82 -0.16
CA ILE A 289 6.19 3.91 0.79
C ILE A 289 4.80 4.49 0.60
N VAL A 290 4.32 4.58 -0.64
CA VAL A 290 2.92 4.87 -0.91
C VAL A 290 2.01 3.82 -0.27
N ASP A 291 2.46 2.56 -0.27
CA ASP A 291 1.67 1.47 0.26
C ASP A 291 1.55 1.51 1.78
N THR A 292 2.44 2.26 2.45
CA THR A 292 2.58 2.20 3.90
C THR A 292 2.37 3.59 4.50
N TYR A 293 3.42 4.31 4.88
CA TYR A 293 3.27 5.48 5.74
C TYR A 293 3.80 6.77 5.13
N GLY A 294 4.13 6.81 3.84
CA GLY A 294 4.40 8.10 3.23
C GLY A 294 5.66 8.79 3.70
N GLY A 295 6.64 8.04 4.18
CA GLY A 295 7.87 8.56 4.67
C GLY A 295 7.95 8.60 6.17
N TRP A 296 6.80 8.59 6.83
CA TRP A 296 6.75 8.52 8.28
C TRP A 296 7.11 7.10 8.72
N GLY A 297 7.45 6.94 9.98
N GLY A 297 7.47 6.97 9.99
CA GLY A 297 7.72 5.58 10.47
CA GLY A 297 7.90 5.67 10.46
C GLY A 297 9.03 5.07 9.90
C GLY A 297 9.06 5.16 9.62
N ALA A 298 8.99 3.88 9.28
CA ALA A 298 10.14 3.25 8.62
C ALA A 298 9.60 2.12 7.75
N HIS A 299 10.50 1.52 6.97
CA HIS A 299 10.15 0.40 6.10
C HIS A 299 11.32 -0.58 6.10
N GLY A 300 10.98 -1.87 6.10
CA GLY A 300 11.98 -2.92 6.03
C GLY A 300 12.43 -3.31 4.65
N GLY A 301 11.74 -2.83 3.61
CA GLY A 301 12.16 -2.97 2.24
C GLY A 301 11.32 -3.91 1.39
N GLY A 302 10.60 -4.84 2.00
N GLY A 302 10.59 -4.84 1.99
CA GLY A 302 9.88 -5.83 1.23
CA GLY A 302 9.92 -5.87 1.21
C GLY A 302 8.60 -5.27 0.62
C GLY A 302 8.57 -5.40 0.68
N ALA A 303 8.28 -5.79 -0.56
CA ALA A 303 7.02 -5.45 -1.20
C ALA A 303 5.90 -6.33 -0.66
N PHE A 304 4.67 -5.85 -0.79
CA PHE A 304 3.49 -6.59 -0.38
C PHE A 304 2.85 -7.40 -1.50
N SER A 305 2.63 -6.80 -2.67
CA SER A 305 1.69 -7.38 -3.62
C SER A 305 2.26 -8.61 -4.28
N GLY A 306 1.36 -9.53 -4.60
CA GLY A 306 1.72 -10.76 -5.25
C GLY A 306 2.20 -11.86 -4.34
N LYS A 307 2.12 -11.69 -3.02
CA LYS A 307 2.69 -12.61 -2.05
C LYS A 307 1.62 -13.13 -1.11
N ASP A 308 1.59 -14.45 -0.90
CA ASP A 308 0.72 -15.07 0.10
C ASP A 308 1.29 -14.86 1.50
N TYR A 309 0.49 -15.27 2.50
CA TYR A 309 0.79 -14.92 3.89
C TYR A 309 2.11 -15.48 4.39
N THR A 310 2.62 -16.56 3.80
CA THR A 310 3.87 -17.09 4.31
C THR A 310 5.04 -16.15 4.05
N LYS A 311 4.87 -15.19 3.17
CA LYS A 311 5.87 -14.14 2.96
C LYS A 311 5.64 -13.08 4.01
N VAL A 312 6.47 -13.12 5.06
CA VAL A 312 6.33 -12.22 6.18
C VAL A 312 6.52 -10.76 5.80
N ASP A 313 7.14 -10.46 4.66
CA ASP A 313 7.18 -9.08 4.19
C ASP A 313 5.80 -8.45 4.25
N ARG A 314 4.77 -9.23 3.88
CA ARG A 314 3.40 -8.75 3.93
C ARG A 314 2.73 -9.05 5.26
N SER A 315 2.67 -10.33 5.64
CA SER A 315 1.87 -10.67 6.82
C SER A 315 2.40 -10.04 8.09
N ALA A 316 3.73 -9.97 8.26
CA ALA A 316 4.26 -9.39 9.48
C ALA A 316 4.19 -7.87 9.47
N ALA A 317 4.25 -7.24 8.30
CA ALA A 317 3.99 -5.80 8.24
C ALA A 317 2.55 -5.49 8.58
N TYR A 318 1.61 -6.32 8.12
CA TYR A 318 0.21 -6.13 8.50
C TYR A 318 0.05 -6.32 9.99
N ALA A 319 0.68 -7.37 10.55
CA ALA A 319 0.59 -7.58 11.99
C ALA A 319 1.23 -6.44 12.76
N ALA A 320 2.34 -5.90 12.27
CA ALA A 320 2.99 -4.80 12.97
C ALA A 320 2.13 -3.54 12.96
N ARG A 321 1.44 -3.28 11.84
CA ARG A 321 0.45 -2.20 11.81
C ARG A 321 -0.62 -2.44 12.85
N TRP A 322 -1.11 -3.68 12.92
CA TRP A 322 -2.15 -4.04 13.89
C TRP A 322 -1.67 -3.78 15.32
N VAL A 323 -0.44 -4.16 15.63
CA VAL A 323 0.11 -3.87 16.95
C VAL A 323 0.14 -2.37 17.20
N ALA A 324 0.71 -1.61 16.25
CA ALA A 324 0.87 -0.17 16.44
C ALA A 324 -0.47 0.50 16.65
N LYS A 325 -1.44 0.16 15.81
CA LYS A 325 -2.76 0.77 15.93
C LYS A 325 -3.44 0.33 17.22
N SER A 326 -3.21 -0.89 17.67
CA SER A 326 -3.76 -1.35 18.94
C SER A 326 -3.18 -0.55 20.11
N LEU A 327 -1.90 -0.24 20.05
CA LEU A 327 -1.28 0.55 21.12
C LEU A 327 -1.85 1.96 21.16
N VAL A 328 -2.05 2.59 20.00
CA VAL A 328 -2.56 3.95 19.97
C VAL A 328 -4.04 3.98 20.36
N LYS A 329 -4.85 3.11 19.75
CA LYS A 329 -6.28 3.11 20.08
C LYS A 329 -6.52 2.63 21.51
N GLY A 330 -5.61 1.86 22.07
CA GLY A 330 -5.70 1.45 23.44
C GLY A 330 -5.28 2.50 24.44
N GLY A 331 -4.83 3.66 23.97
CA GLY A 331 -4.46 4.73 24.84
C GLY A 331 -3.09 4.62 25.45
N LEU A 332 -2.26 3.70 24.99
CA LEU A 332 -0.94 3.50 25.58
C LEU A 332 0.08 4.47 25.02
N CYS A 333 -0.18 5.05 23.86
N CYS A 333 -0.08 4.87 23.74
CA CYS A 333 0.74 6.03 23.31
CA CYS A 333 0.81 5.80 23.07
C CYS A 333 0.03 6.74 22.18
C CYS A 333 -0.04 6.78 22.27
N ARG A 334 0.58 7.87 21.81
CA ARG A 334 -0.02 8.69 20.76
C ARG A 334 0.59 8.42 19.39
N ARG A 335 1.79 7.86 19.34
CA ARG A 335 2.53 7.64 18.11
CA ARG A 335 2.53 7.65 18.11
C ARG A 335 3.52 6.53 18.40
N VAL A 336 3.64 5.57 17.49
CA VAL A 336 4.49 4.42 17.78
C VAL A 336 4.97 3.78 16.50
N LEU A 337 6.22 3.29 16.56
CA LEU A 337 6.87 2.51 15.52
C LEU A 337 7.22 1.15 16.10
N VAL A 338 6.87 0.09 15.38
CA VAL A 338 7.11 -1.29 15.80
C VAL A 338 8.01 -1.93 14.75
N GLN A 339 9.12 -2.54 15.17
CA GLN A 339 9.93 -3.36 14.29
C GLN A 339 9.79 -4.82 14.68
N VAL A 340 9.76 -5.70 13.67
CA VAL A 340 9.88 -7.14 13.86
CA VAL A 340 9.87 -7.15 13.86
C VAL A 340 10.83 -7.66 12.80
N SER A 341 11.42 -8.83 13.04
CA SER A 341 12.27 -9.45 12.03
C SER A 341 12.20 -10.96 12.15
N TYR A 342 12.60 -11.64 11.07
CA TYR A 342 12.46 -13.09 10.93
C TYR A 342 13.68 -13.68 10.24
N ALA A 343 13.85 -14.99 10.39
CA ALA A 343 14.77 -15.79 9.59
C ALA A 343 13.94 -16.81 8.80
N ILE A 344 14.34 -17.09 7.55
CA ILE A 344 13.65 -18.11 6.76
C ILE A 344 13.64 -19.41 7.54
N GLY A 345 12.47 -20.05 7.58
CA GLY A 345 12.34 -21.35 8.19
C GLY A 345 12.08 -21.33 9.68
N VAL A 346 12.14 -20.18 10.32
CA VAL A 346 11.98 -20.03 11.76
C VAL A 346 10.65 -19.32 12.00
N SER A 347 9.83 -19.86 12.91
CA SER A 347 8.48 -19.33 13.11
CA SER A 347 8.49 -19.31 13.07
C SER A 347 8.46 -18.03 13.92
N HIS A 348 9.08 -18.04 15.09
CA HIS A 348 9.01 -16.86 15.95
C HIS A 348 9.91 -15.76 15.43
N PRO A 349 9.51 -14.51 15.59
CA PRO A 349 10.39 -13.41 15.19
C PRO A 349 11.70 -13.46 15.95
N LEU A 350 12.74 -12.98 15.28
CA LEU A 350 14.06 -12.89 15.89
CA LEU A 350 14.07 -12.89 15.89
C LEU A 350 14.19 -11.69 16.81
N SER A 351 13.45 -10.62 16.53
CA SER A 351 13.51 -9.39 17.30
C SER A 351 12.16 -8.71 17.20
N ILE A 352 11.80 -7.99 18.27
CA ILE A 352 10.64 -7.10 18.31
C ILE A 352 11.10 -5.84 19.04
N SER A 353 10.74 -4.66 18.52
CA SER A 353 11.15 -3.40 19.12
C SER A 353 10.00 -2.41 19.04
N ILE A 354 9.90 -1.58 20.07
CA ILE A 354 8.85 -0.56 20.17
C ILE A 354 9.50 0.78 20.40
N PHE A 355 9.12 1.77 19.60
CA PHE A 355 9.63 3.14 19.73
C PHE A 355 8.43 4.05 19.83
N HIS A 356 8.26 4.74 20.96
CA HIS A 356 7.04 5.50 21.18
C HIS A 356 7.21 7.01 21.10
N TYR A 357 8.37 7.49 20.65
CA TYR A 357 8.60 8.91 20.41
C TYR A 357 8.40 9.77 21.66
N GLY A 358 8.40 9.16 22.83
CA GLY A 358 8.12 9.88 24.05
C GLY A 358 6.66 10.11 24.34
N THR A 359 5.75 9.40 23.65
CA THR A 359 4.33 9.67 23.74
C THR A 359 3.58 8.72 24.67
N SER A 360 4.29 8.04 25.57
CA SER A 360 3.67 7.19 26.57
C SER A 360 4.28 7.49 27.93
N GLN A 361 3.48 7.34 28.98
CA GLN A 361 4.01 7.31 30.33
C GLN A 361 4.79 6.03 30.59
N LYS A 362 4.45 4.95 29.90
CA LYS A 362 5.16 3.70 30.06
C LYS A 362 6.45 3.74 29.25
N SER A 363 7.45 3.01 29.73
CA SER A 363 8.68 2.89 28.99
C SER A 363 8.46 2.00 27.76
N GLU A 364 9.38 2.13 26.81
CA GLU A 364 9.35 1.26 25.64
C GLU A 364 9.49 -0.20 26.04
N ARG A 365 10.29 -0.49 27.05
CA ARG A 365 10.39 -1.86 27.57
C ARG A 365 9.05 -2.37 28.09
N GLU A 366 8.33 -1.53 28.82
CA GLU A 366 7.00 -1.94 29.30
C GLU A 366 6.04 -2.18 28.14
N LEU A 367 6.07 -1.32 27.12
CA LEU A 367 5.19 -1.56 25.98
C LEU A 367 5.57 -2.84 25.25
N LEU A 368 6.87 -3.11 25.14
CA LEU A 368 7.30 -4.35 24.49
C LEU A 368 6.77 -5.56 25.24
N GLU A 369 6.80 -5.51 26.57
CA GLU A 369 6.27 -6.62 27.36
C GLU A 369 4.76 -6.79 27.14
N ILE A 370 4.02 -5.67 27.05
CA ILE A 370 2.58 -5.75 26.75
C ILE A 370 2.38 -6.38 25.37
N VAL A 371 3.17 -5.97 24.39
CA VAL A 371 3.03 -6.55 23.06
C VAL A 371 3.30 -8.05 23.10
N LYS A 372 4.38 -8.46 23.78
CA LYS A 372 4.72 -9.87 23.82
C LYS A 372 3.66 -10.70 24.52
N LYS A 373 2.97 -10.11 25.50
CA LYS A 373 1.92 -10.84 26.20
C LYS A 373 0.60 -10.90 25.42
N ASN A 374 0.40 -10.01 24.45
CA ASN A 374 -0.86 -9.91 23.76
C ASN A 374 -0.85 -10.37 22.31
N PHE A 375 0.31 -10.54 21.71
CA PHE A 375 0.40 -10.88 20.30
C PHE A 375 1.33 -12.07 20.10
N ASP A 376 0.97 -12.94 19.18
CA ASP A 376 1.80 -14.06 18.75
C ASP A 376 2.09 -13.80 17.28
N LEU A 377 3.33 -13.42 16.98
CA LEU A 377 3.70 -12.94 15.65
C LEU A 377 4.34 -14.04 14.80
N ARG A 378 4.08 -15.29 15.11
CA ARG A 378 4.41 -16.34 14.18
C ARG A 378 3.50 -16.22 12.95
N PRO A 379 4.03 -16.44 11.75
CA PRO A 379 3.16 -16.30 10.56
C PRO A 379 1.97 -17.24 10.55
N GLY A 380 2.12 -18.45 11.10
CA GLY A 380 1.03 -19.37 11.16
C GLY A 380 -0.01 -19.06 12.21
N VAL A 381 0.23 -18.05 13.03
CA VAL A 381 -0.80 -17.50 13.91
C VAL A 381 -1.37 -16.21 13.34
N ILE A 382 -0.52 -15.35 12.81
CA ILE A 382 -1.00 -14.14 12.15
C ILE A 382 -2.05 -14.49 11.09
N VAL A 383 -1.82 -15.57 10.33
CA VAL A 383 -2.76 -15.91 9.26
C VAL A 383 -4.16 -16.12 9.81
N ARG A 384 -4.26 -16.71 11.00
CA ARG A 384 -5.56 -16.94 11.62
C ARG A 384 -6.14 -15.64 12.17
N ASP A 385 -5.32 -14.86 12.87
CA ASP A 385 -5.83 -13.63 13.48
C ASP A 385 -6.28 -12.62 12.43
N LEU A 386 -5.57 -12.54 11.31
CA LEU A 386 -5.86 -11.52 10.30
C LEU A 386 -6.55 -12.11 9.05
N ASP A 387 -6.89 -13.39 9.08
CA ASP A 387 -7.68 -14.04 8.02
C ASP A 387 -7.01 -13.93 6.66
N LEU A 388 -5.72 -14.24 6.62
CA LEU A 388 -4.90 -13.87 5.47
C LEU A 388 -4.95 -14.85 4.31
N LYS A 389 -5.77 -15.88 4.38
CA LYS A 389 -6.07 -16.67 3.19
C LYS A 389 -7.25 -16.11 2.40
N LYS A 390 -7.90 -15.07 2.90
CA LYS A 390 -9.06 -14.55 2.19
C LYS A 390 -8.62 -13.73 0.98
N PRO A 391 -9.28 -13.89 -0.17
CA PRO A 391 -8.86 -13.21 -1.41
C PRO A 391 -9.35 -11.77 -1.49
N ILE A 392 -8.82 -10.92 -0.60
CA ILE A 392 -9.14 -9.50 -0.56
C ILE A 392 -7.95 -8.64 -0.96
N TYR A 393 -6.90 -9.25 -1.50
CA TYR A 393 -5.66 -8.52 -1.65
C TYR A 393 -5.70 -7.48 -2.75
N GLN A 394 -6.42 -7.70 -3.84
CA GLN A 394 -6.47 -6.65 -4.86
C GLN A 394 -7.01 -5.35 -4.29
N ARG A 395 -7.90 -5.44 -3.30
CA ARG A 395 -8.43 -4.24 -2.66
C ARG A 395 -7.37 -3.45 -1.90
N THR A 396 -6.29 -4.10 -1.48
CA THR A 396 -5.23 -3.41 -0.76
C THR A 396 -4.25 -2.69 -1.68
N ALA A 397 -4.25 -2.98 -2.97
CA ALA A 397 -3.14 -2.67 -3.85
C ALA A 397 -3.19 -1.28 -4.48
N ALA A 398 -4.17 -0.46 -4.12
CA ALA A 398 -4.17 0.96 -4.45
C ALA A 398 -4.68 1.72 -3.24
N TYR A 399 -4.19 2.96 -3.08
CA TYR A 399 -4.63 3.87 -2.03
C TYR A 399 -4.13 3.49 -0.63
N GLY A 400 -3.10 2.68 -0.56
CA GLY A 400 -2.46 2.31 0.70
C GLY A 400 -3.08 1.07 1.30
N HIS A 401 -2.25 0.29 1.99
CA HIS A 401 -2.72 -0.94 2.62
C HIS A 401 -3.34 -0.69 3.99
N PHE A 402 -3.10 0.49 4.55
CA PHE A 402 -3.45 0.81 5.92
C PHE A 402 -4.37 2.02 5.99
N GLY A 403 -5.11 2.11 7.09
CA GLY A 403 -5.96 3.25 7.37
C GLY A 403 -7.29 3.24 6.67
N ARG A 404 -7.68 2.12 6.06
CA ARG A 404 -8.87 2.06 5.24
C ARG A 404 -9.67 0.79 5.47
N ASP A 405 -10.99 0.89 5.37
CA ASP A 405 -11.86 -0.24 5.08
CA ASP A 405 -11.95 -0.19 5.12
C ASP A 405 -12.03 -1.23 6.22
N SER A 406 -11.49 -0.97 7.39
CA SER A 406 -11.63 -1.86 8.52
C SER A 406 -11.22 -3.30 8.18
N PHE A 407 -10.11 -3.44 7.41
CA PHE A 407 -9.46 -4.74 7.26
C PHE A 407 -9.06 -5.27 8.64
N PRO A 408 -8.76 -6.57 8.78
CA PRO A 408 -8.51 -7.09 10.14
C PRO A 408 -7.39 -6.40 10.87
N TRP A 409 -6.34 -5.98 10.16
CA TRP A 409 -5.22 -5.32 10.79
C TRP A 409 -5.54 -3.89 11.21
N GLU A 410 -6.70 -3.38 10.84
CA GLU A 410 -7.15 -2.06 11.22
C GLU A 410 -8.13 -2.09 12.39
N VAL A 411 -8.51 -3.26 12.87
CA VAL A 411 -9.43 -3.42 13.98
C VAL A 411 -8.58 -3.66 15.23
N PRO A 412 -8.46 -2.71 16.14
N PRO A 412 -8.51 -2.72 16.17
CA PRO A 412 -7.50 -2.90 17.22
CA PRO A 412 -7.55 -2.86 17.27
C PRO A 412 -7.83 -4.13 18.05
C PRO A 412 -7.85 -4.06 18.17
N LYS A 413 -6.79 -4.72 18.63
CA LYS A 413 -6.93 -5.76 19.63
C LYS A 413 -7.04 -5.10 21.01
N LYS A 414 -7.99 -5.56 21.82
CA LYS A 414 -8.10 -5.10 23.20
C LYS A 414 -6.97 -5.73 24.01
N LEU A 415 -6.16 -4.89 24.65
CA LEU A 415 -4.93 -5.35 25.27
C LEU A 415 -5.13 -5.58 26.75
N LYS A 416 -4.56 -6.67 27.24
CA LYS A 416 -4.58 -7.01 28.65
C LYS A 416 -3.22 -6.67 29.25
N TYR A 417 -3.23 -5.86 30.31
CA TYR A 417 -2.00 -5.45 30.99
C TYR A 417 -2.33 -4.93 32.39
#